data_1FXW
#
_entry.id   1FXW
#
_cell.length_a   44.519
_cell.length_b   80.848
_cell.length_c   116.207
_cell.angle_alpha   90.00
_cell.angle_beta   90.00
_cell.angle_gamma   90.00
#
_symmetry.space_group_name_H-M   'P 21 21 21'
#
loop_
_entity.id
_entity.type
_entity.pdbx_description
1 polymer 'PLATELET-ACTIVATING FACTOR ACETYLHYDROLASE IB GAMMA SUBUNIT'
2 polymer 'PLATELET-ACTIVATING FACTOR ACETYLHYDROLASE IB BETA SUBUNIT'
3 non-polymer 'CALCIUM ION'
4 water water
#
loop_
_entity_poly.entity_id
_entity_poly.type
_entity_poly.pdbx_seq_one_letter_code
_entity_poly.pdbx_strand_id
1 'polypeptide(L)'
;MSGDENPASKPTPVQDVQGDGRWMSLHHRFVADSKDKEPEVVFIGDSLVQLMHQCEIWRELFSPLHALNFGIGGDSTQHV
LWRLENGELEHIRPKIVVVWVGTNNHGHTAEQVTGGIKAIVQLVNERQPQARVVVLGLLPRGQHPNPLREKNRRVNELVR
AALAGHPRAHFLDADPGFVHSDGTISHHDMYDYLHLSRLGYTPVCRALHSLLLRLLTQDQGQGGAPLPEPSP
;
A
2 'polypeptide(L)'
;MSQGDSNPAAIPHAAEDIQGDDRWMSQHNRFVLDCKDKEPDVLFVGDSMVQLMQQYEIWRELFSPLHALNFGIGGDTTRH
VLWRLKNGELENIKPKVIVVWVGTNNHENTAEEVAGGIEAIVQLINTRQPQAKIIVLGLLPRGEKPNPLRQKNAKVNQLL
KVSLPKLANVQLLDTDGGFVHSDGAISCHDMFDFLHLTGGGYAKICKPLHELIMQLLEETPEEKQTTIA
;
F
#
# COMPACT_ATOMS: atom_id res chain seq x y z
N GLU A 5 7.74 -19.31 -24.95
CA GLU A 5 6.51 -18.98 -24.17
C GLU A 5 6.84 -17.86 -23.19
N ASN A 6 5.95 -16.88 -23.07
CA ASN A 6 6.17 -15.74 -22.18
C ASN A 6 5.15 -15.71 -21.05
N PRO A 7 5.58 -16.00 -19.82
CA PRO A 7 4.69 -16.00 -18.66
C PRO A 7 4.12 -14.60 -18.36
N ALA A 8 4.82 -13.55 -18.78
CA ALA A 8 4.34 -12.20 -18.54
C ALA A 8 3.11 -11.91 -19.41
N SER A 9 2.92 -12.70 -20.47
CA SER A 9 1.77 -12.50 -21.36
C SER A 9 0.73 -13.62 -21.31
N LYS A 10 0.86 -14.53 -20.36
CA LYS A 10 -0.10 -15.63 -20.20
C LYS A 10 -1.14 -15.19 -19.15
N PRO A 11 -2.35 -14.83 -19.59
CA PRO A 11 -3.44 -14.37 -18.70
C PRO A 11 -3.69 -15.26 -17.50
N THR A 12 -3.65 -14.71 -16.30
CA THR A 12 -3.89 -15.52 -15.11
C THR A 12 -4.30 -14.67 -13.91
N PRO A 13 -5.29 -15.13 -13.14
CA PRO A 13 -5.73 -14.37 -11.98
C PRO A 13 -4.80 -14.56 -10.78
N VAL A 14 -4.89 -13.65 -9.81
CA VAL A 14 -4.07 -13.78 -8.61
C VAL A 14 -4.78 -14.74 -7.67
N GLN A 15 -4.07 -15.75 -7.20
CA GLN A 15 -4.67 -16.72 -6.30
C GLN A 15 -4.75 -16.16 -4.88
N ASP A 16 -5.85 -16.45 -4.20
CA ASP A 16 -6.02 -16.00 -2.83
C ASP A 16 -5.21 -16.90 -1.92
N VAL A 17 -4.32 -16.32 -1.13
CA VAL A 17 -3.53 -17.12 -0.21
C VAL A 17 -3.64 -16.59 1.22
N GLN A 18 -4.56 -15.65 1.43
CA GLN A 18 -4.80 -15.08 2.76
C GLN A 18 -6.17 -15.51 3.29
N GLY A 19 -7.13 -15.64 2.39
CA GLY A 19 -8.47 -16.07 2.79
C GLY A 19 -9.64 -15.11 2.69
N ASP A 20 -9.37 -13.82 2.46
CA ASP A 20 -10.45 -12.84 2.38
C ASP A 20 -10.86 -12.45 0.96
N GLY A 21 -10.32 -13.17 -0.03
CA GLY A 21 -10.67 -12.95 -1.43
C GLY A 21 -10.75 -11.53 -1.96
N ARG A 22 -9.90 -10.64 -1.46
CA ARG A 22 -9.92 -9.24 -1.87
C ARG A 22 -9.63 -8.99 -3.35
N TRP A 23 -8.74 -9.78 -3.92
CA TRP A 23 -8.39 -9.59 -5.32
C TRP A 23 -9.62 -9.79 -6.21
N MET A 24 -10.34 -10.89 -6.03
CA MET A 24 -11.53 -11.15 -6.84
C MET A 24 -12.63 -10.14 -6.54
N SER A 25 -12.71 -9.70 -5.29
CA SER A 25 -13.73 -8.74 -4.89
C SER A 25 -13.48 -7.41 -5.61
N LEU A 26 -12.21 -7.05 -5.82
CA LEU A 26 -11.94 -5.81 -6.53
C LEU A 26 -12.33 -5.94 -7.98
N HIS A 27 -11.87 -7.02 -8.60
CA HIS A 27 -12.16 -7.31 -9.99
C HIS A 27 -13.65 -7.28 -10.27
N HIS A 28 -14.42 -7.99 -9.44
CA HIS A 28 -15.85 -8.02 -9.61
C HIS A 28 -16.46 -6.65 -9.45
N ARG A 29 -15.91 -5.85 -8.55
CA ARG A 29 -16.46 -4.51 -8.36
C ARG A 29 -16.18 -3.69 -9.62
N PHE A 30 -14.96 -3.79 -10.13
CA PHE A 30 -14.59 -3.07 -11.34
C PHE A 30 -15.52 -3.48 -12.48
N VAL A 31 -15.86 -4.76 -12.53
CA VAL A 31 -16.75 -5.24 -13.58
C VAL A 31 -18.16 -4.69 -13.41
N ALA A 32 -18.62 -4.60 -12.17
CA ALA A 32 -19.97 -4.10 -11.88
C ALA A 32 -20.12 -2.59 -11.97
N ASP A 33 -19.21 -1.84 -11.36
CA ASP A 33 -19.31 -0.38 -11.37
C ASP A 33 -19.15 0.21 -12.77
N SER A 34 -18.78 -0.62 -13.74
CA SER A 34 -18.60 -0.17 -15.11
C SER A 34 -19.88 -0.32 -15.93
N LYS A 35 -20.67 -1.34 -15.62
CA LYS A 35 -21.92 -1.55 -16.34
C LYS A 35 -23.01 -0.63 -15.79
N ASP A 36 -22.58 0.55 -15.36
CA ASP A 36 -23.49 1.55 -14.82
C ASP A 36 -22.86 2.92 -15.03
N LYS A 37 -21.63 2.90 -15.53
CA LYS A 37 -20.90 4.13 -15.77
C LYS A 37 -20.31 4.17 -17.16
N GLU A 38 -20.06 5.39 -17.64
CA GLU A 38 -19.48 5.59 -18.96
C GLU A 38 -18.30 6.56 -18.85
N PRO A 39 -17.11 6.04 -18.50
CA PRO A 39 -15.90 6.84 -18.35
C PRO A 39 -15.25 7.25 -19.67
N GLU A 40 -14.45 8.31 -19.62
CA GLU A 40 -13.73 8.77 -20.80
C GLU A 40 -12.29 8.28 -20.68
N VAL A 41 -11.85 8.06 -19.44
CA VAL A 41 -10.49 7.60 -19.16
C VAL A 41 -10.52 6.47 -18.12
N VAL A 42 -9.80 5.39 -18.42
CA VAL A 42 -9.74 4.26 -17.50
C VAL A 42 -8.31 3.93 -17.14
N PHE A 43 -8.02 3.85 -15.85
CA PHE A 43 -6.67 3.52 -15.39
C PHE A 43 -6.65 2.06 -14.95
N ILE A 44 -5.57 1.37 -15.27
CA ILE A 44 -5.44 0.00 -14.84
C ILE A 44 -3.95 -0.33 -14.64
N GLY A 45 -3.66 -1.06 -13.57
CA GLY A 45 -2.29 -1.42 -13.29
C GLY A 45 -2.12 -1.88 -11.86
N ASP A 46 -0.91 -1.67 -11.32
CA ASP A 46 -0.56 -2.06 -9.96
C ASP A 46 -0.89 -0.95 -8.94
N SER A 47 -0.29 -1.02 -7.75
CA SER A 47 -0.54 -0.02 -6.69
C SER A 47 -0.29 1.42 -7.11
N LEU A 48 0.70 1.64 -7.97
CA LEU A 48 1.01 2.99 -8.43
C LEU A 48 -0.21 3.62 -9.07
N VAL A 49 -1.07 2.79 -9.62
CA VAL A 49 -2.30 3.27 -10.24
C VAL A 49 -3.40 3.38 -9.19
N GLN A 50 -3.53 2.32 -8.40
CA GLN A 50 -4.54 2.22 -7.33
C GLN A 50 -4.50 3.40 -6.35
N LEU A 51 -3.30 3.71 -5.85
CA LEU A 51 -3.12 4.79 -4.88
C LEU A 51 -3.02 6.18 -5.48
N MET A 52 -3.32 6.32 -6.77
CA MET A 52 -3.22 7.63 -7.39
C MET A 52 -4.37 8.57 -7.01
N HIS A 53 -4.13 9.36 -5.96
CA HIS A 53 -5.05 10.34 -5.43
C HIS A 53 -4.52 10.64 -4.03
N GLN A 54 -3.47 9.90 -3.68
CA GLN A 54 -2.80 10.02 -2.40
C GLN A 54 -1.83 11.18 -2.54
N CYS A 55 -2.20 12.11 -3.42
CA CYS A 55 -1.44 13.30 -3.73
C CYS A 55 -2.47 14.30 -4.26
N GLU A 56 -2.65 15.43 -3.57
CA GLU A 56 -3.66 16.41 -3.98
C GLU A 56 -4.89 15.51 -3.88
N ILE A 57 -5.37 15.04 -5.02
CA ILE A 57 -6.49 14.11 -5.06
C ILE A 57 -6.74 13.68 -6.49
N TRP A 58 -7.97 13.27 -6.75
CA TRP A 58 -8.32 12.79 -8.06
C TRP A 58 -9.39 13.60 -8.77
N ARG A 59 -9.63 14.83 -8.33
CA ARG A 59 -10.63 15.67 -8.98
C ARG A 59 -10.05 16.96 -9.53
N GLU A 60 -9.05 17.52 -8.86
CA GLU A 60 -8.46 18.77 -9.33
C GLU A 60 -7.59 18.53 -10.56
N LEU A 61 -7.70 17.34 -11.15
CA LEU A 61 -6.89 17.03 -12.32
C LEU A 61 -7.26 15.72 -13.03
N PHE A 62 -8.25 15.00 -12.51
CA PHE A 62 -8.65 13.73 -13.12
C PHE A 62 -10.15 13.41 -13.12
N SER A 63 -10.85 13.74 -12.05
CA SER A 63 -12.28 13.47 -11.96
C SER A 63 -13.11 14.14 -13.05
N PRO A 64 -12.77 15.39 -13.42
CA PRO A 64 -13.56 16.06 -14.45
C PRO A 64 -13.57 15.19 -15.72
N LEU A 65 -12.59 14.32 -15.81
CA LEU A 65 -12.44 13.44 -16.97
C LEU A 65 -13.34 12.21 -16.89
N HIS A 66 -14.14 12.12 -15.82
CA HIS A 66 -15.06 10.99 -15.66
C HIS A 66 -14.24 9.70 -15.78
N ALA A 67 -13.28 9.50 -14.87
CA ALA A 67 -12.42 8.33 -14.92
C ALA A 67 -12.69 7.23 -13.90
N LEU A 68 -12.26 6.02 -14.24
CA LEU A 68 -12.40 4.88 -13.36
C LEU A 68 -10.99 4.37 -13.10
N ASN A 69 -10.76 3.90 -11.88
CA ASN A 69 -9.47 3.39 -11.50
C ASN A 69 -9.55 1.91 -11.17
N PHE A 70 -8.93 1.09 -12.01
CA PHE A 70 -8.95 -0.35 -11.83
C PHE A 70 -7.56 -0.87 -11.41
N GLY A 71 -6.83 -0.07 -10.64
CA GLY A 71 -5.52 -0.51 -10.19
C GLY A 71 -5.64 -1.43 -8.99
N ILE A 72 -4.77 -2.43 -8.92
CA ILE A 72 -4.78 -3.37 -7.79
C ILE A 72 -3.33 -3.58 -7.37
N GLY A 73 -3.02 -3.36 -6.11
CA GLY A 73 -1.67 -3.55 -5.65
C GLY A 73 -1.19 -4.98 -5.82
N GLY A 74 0.08 -5.15 -6.17
CA GLY A 74 0.64 -6.49 -6.34
C GLY A 74 0.52 -7.09 -7.73
N ASP A 75 -0.33 -6.55 -8.59
CA ASP A 75 -0.49 -7.12 -9.93
C ASP A 75 0.73 -7.01 -10.85
N SER A 76 0.88 -8.05 -11.68
CA SER A 76 1.92 -8.12 -12.70
C SER A 76 1.16 -8.00 -14.02
N THR A 77 1.89 -7.95 -15.12
CA THR A 77 1.28 -7.84 -16.43
C THR A 77 0.25 -8.93 -16.72
N GLN A 78 0.60 -10.18 -16.46
CA GLN A 78 -0.33 -11.28 -16.75
C GLN A 78 -1.64 -11.17 -15.96
N HIS A 79 -1.62 -10.44 -14.85
CA HIS A 79 -2.79 -10.26 -13.99
C HIS A 79 -3.73 -9.20 -14.56
N VAL A 80 -3.15 -8.12 -15.05
CA VAL A 80 -3.91 -7.03 -15.67
C VAL A 80 -4.53 -7.60 -16.96
N LEU A 81 -3.75 -8.42 -17.66
CA LEU A 81 -4.24 -9.04 -18.88
C LEU A 81 -5.47 -9.88 -18.60
N TRP A 82 -5.38 -10.72 -17.58
CA TRP A 82 -6.52 -11.57 -17.24
C TRP A 82 -7.76 -10.73 -16.93
N ARG A 83 -7.58 -9.67 -16.15
CA ARG A 83 -8.73 -8.84 -15.78
C ARG A 83 -9.36 -8.14 -16.98
N LEU A 84 -8.52 -7.71 -17.91
CA LEU A 84 -9.02 -7.02 -19.10
C LEU A 84 -9.77 -7.97 -20.02
N GLU A 85 -9.39 -9.24 -19.99
CA GLU A 85 -10.02 -10.24 -20.83
C GLU A 85 -11.24 -10.86 -20.16
N ASN A 86 -11.41 -10.58 -18.86
CA ASN A 86 -12.51 -11.16 -18.12
C ASN A 86 -13.60 -10.23 -17.58
N GLY A 87 -13.96 -9.21 -18.36
CA GLY A 87 -15.03 -8.32 -17.96
C GLY A 87 -14.76 -6.85 -17.69
N GLU A 88 -13.53 -6.50 -17.31
CA GLU A 88 -13.26 -5.11 -17.01
C GLU A 88 -13.30 -4.18 -18.21
N LEU A 89 -13.19 -4.75 -19.40
CA LEU A 89 -13.25 -3.96 -20.62
C LEU A 89 -14.63 -3.98 -21.27
N GLU A 90 -15.63 -4.56 -20.60
CA GLU A 90 -16.98 -4.63 -21.14
C GLU A 90 -17.86 -3.50 -20.62
N HIS A 91 -19.01 -3.31 -21.25
CA HIS A 91 -19.96 -2.29 -20.82
C HIS A 91 -19.45 -0.85 -20.89
N ILE A 92 -18.22 -0.64 -21.34
CA ILE A 92 -17.68 0.72 -21.44
C ILE A 92 -16.98 1.05 -22.76
N ARG A 93 -16.80 2.34 -23.01
CA ARG A 93 -16.16 2.80 -24.23
C ARG A 93 -15.34 4.06 -24.00
N PRO A 94 -14.27 3.96 -23.21
CA PRO A 94 -13.42 5.11 -22.91
C PRO A 94 -12.64 5.64 -24.11
N LYS A 95 -12.23 6.90 -24.02
CA LYS A 95 -11.46 7.52 -25.08
C LYS A 95 -9.97 7.24 -24.86
N ILE A 96 -9.58 7.04 -23.61
CA ILE A 96 -8.19 6.76 -23.29
C ILE A 96 -8.06 5.71 -22.19
N VAL A 97 -7.07 4.85 -22.35
CA VAL A 97 -6.82 3.81 -21.35
C VAL A 97 -5.38 3.98 -20.90
N VAL A 98 -5.19 4.13 -19.60
CA VAL A 98 -3.88 4.31 -19.01
C VAL A 98 -3.41 3.02 -18.35
N VAL A 99 -2.23 2.57 -18.77
CA VAL A 99 -1.64 1.32 -18.29
C VAL A 99 -0.39 1.63 -17.48
N TRP A 100 -0.26 0.97 -16.33
CA TRP A 100 0.89 1.16 -15.48
C TRP A 100 1.11 -0.10 -14.65
N VAL A 101 1.90 -1.03 -15.22
CA VAL A 101 2.23 -2.32 -14.60
C VAL A 101 3.63 -2.74 -15.04
N GLY A 102 4.24 -3.68 -14.32
CA GLY A 102 5.54 -4.18 -14.72
C GLY A 102 6.56 -4.26 -13.60
N THR A 103 6.53 -3.28 -12.71
CA THR A 103 7.48 -3.26 -11.60
C THR A 103 7.39 -4.50 -10.69
N ASN A 104 6.21 -5.12 -10.62
CA ASN A 104 5.99 -6.31 -9.79
C ASN A 104 6.35 -7.65 -10.47
N ASN A 105 6.67 -7.63 -11.78
CA ASN A 105 7.01 -8.85 -12.53
C ASN A 105 8.37 -9.41 -12.17
N HIS A 106 8.57 -9.70 -10.89
CA HIS A 106 9.86 -10.23 -10.46
C HIS A 106 9.99 -11.64 -11.02
N GLY A 107 11.19 -11.97 -11.51
CA GLY A 107 11.37 -13.30 -12.06
C GLY A 107 11.22 -13.31 -13.57
N HIS A 108 10.72 -12.23 -14.14
CA HIS A 108 10.57 -12.12 -15.58
C HIS A 108 11.61 -11.11 -16.06
N THR A 109 12.16 -11.34 -17.24
CA THR A 109 13.17 -10.43 -17.79
C THR A 109 12.51 -9.17 -18.34
N ALA A 110 13.32 -8.14 -18.58
CA ALA A 110 12.81 -6.89 -19.13
C ALA A 110 12.10 -7.16 -20.45
N GLU A 111 12.63 -8.11 -21.22
CA GLU A 111 12.06 -8.45 -22.51
C GLU A 111 10.69 -9.14 -22.33
N GLN A 112 10.60 -10.06 -21.36
CA GLN A 112 9.34 -10.74 -21.10
C GLN A 112 8.30 -9.70 -20.64
N VAL A 113 8.66 -8.87 -19.66
CA VAL A 113 7.75 -7.84 -19.15
C VAL A 113 7.30 -6.92 -20.27
N THR A 114 8.23 -6.56 -21.14
CA THR A 114 7.91 -5.69 -22.28
C THR A 114 6.85 -6.39 -23.14
N GLY A 115 7.03 -7.69 -23.37
CA GLY A 115 6.04 -8.44 -24.14
C GLY A 115 4.69 -8.41 -23.42
N GLY A 116 4.73 -8.50 -22.09
CA GLY A 116 3.50 -8.46 -21.33
C GLY A 116 2.76 -7.17 -21.61
N ILE A 117 3.50 -6.07 -21.59
CA ILE A 117 2.92 -4.77 -21.84
C ILE A 117 2.36 -4.70 -23.27
N LYS A 118 3.13 -5.15 -24.25
CA LYS A 118 2.65 -5.12 -25.62
C LYS A 118 1.34 -5.93 -25.79
N ALA A 119 1.20 -7.02 -25.06
CA ALA A 119 -0.02 -7.83 -25.15
C ALA A 119 -1.19 -7.07 -24.55
N ILE A 120 -0.92 -6.30 -23.51
CA ILE A 120 -1.95 -5.51 -22.85
C ILE A 120 -2.44 -4.46 -23.83
N VAL A 121 -1.50 -3.73 -24.42
CA VAL A 121 -1.88 -2.70 -25.39
C VAL A 121 -2.69 -3.29 -26.54
N GLN A 122 -2.20 -4.40 -27.08
CA GLN A 122 -2.86 -5.07 -28.19
C GLN A 122 -4.29 -5.47 -27.80
N LEU A 123 -4.44 -5.99 -26.58
CA LEU A 123 -5.75 -6.38 -26.10
C LEU A 123 -6.68 -5.17 -26.09
N VAL A 124 -6.19 -4.05 -25.55
CA VAL A 124 -7.02 -2.83 -25.50
C VAL A 124 -7.33 -2.35 -26.91
N ASN A 125 -6.37 -2.45 -27.83
CA ASN A 125 -6.62 -2.01 -29.20
C ASN A 125 -7.69 -2.88 -29.88
N GLU A 126 -7.81 -4.16 -29.49
CA GLU A 126 -8.80 -5.02 -30.12
C GLU A 126 -10.20 -4.86 -29.50
N ARG A 127 -10.28 -4.79 -28.18
CA ARG A 127 -11.58 -4.66 -27.52
C ARG A 127 -12.10 -3.24 -27.46
N GLN A 128 -11.20 -2.29 -27.34
CA GLN A 128 -11.55 -0.87 -27.27
C GLN A 128 -10.79 -0.11 -28.35
N PRO A 129 -10.99 -0.48 -29.61
CA PRO A 129 -10.30 0.16 -30.75
C PRO A 129 -10.39 1.68 -30.86
N GLN A 130 -11.47 2.27 -30.36
CA GLN A 130 -11.63 3.71 -30.46
C GLN A 130 -10.77 4.49 -29.47
N ALA A 131 -10.26 3.79 -28.46
CA ALA A 131 -9.46 4.48 -27.45
C ALA A 131 -7.99 4.55 -27.80
N ARG A 132 -7.31 5.49 -27.17
CA ARG A 132 -5.88 5.64 -27.34
C ARG A 132 -5.29 5.07 -26.05
N VAL A 133 -4.19 4.35 -26.15
CA VAL A 133 -3.58 3.76 -24.98
C VAL A 133 -2.34 4.54 -24.56
N VAL A 134 -2.22 4.77 -23.26
CA VAL A 134 -1.08 5.46 -22.70
C VAL A 134 -0.37 4.54 -21.72
N VAL A 135 0.88 4.21 -22.02
CA VAL A 135 1.64 3.35 -21.13
C VAL A 135 2.60 4.23 -20.33
N LEU A 136 2.59 4.12 -19.01
CA LEU A 136 3.47 4.90 -18.16
C LEU A 136 4.76 4.12 -17.90
N GLY A 137 5.89 4.82 -17.86
CA GLY A 137 7.15 4.16 -17.62
C GLY A 137 7.27 3.60 -16.21
N LEU A 138 7.96 2.48 -16.06
CA LEU A 138 8.13 1.90 -14.74
C LEU A 138 9.05 2.85 -14.00
N LEU A 139 8.69 3.17 -12.76
CA LEU A 139 9.50 4.09 -11.97
C LEU A 139 10.69 3.40 -11.33
N PRO A 140 11.73 4.17 -11.01
CA PRO A 140 12.91 3.58 -10.36
C PRO A 140 12.44 3.21 -8.94
N ARG A 141 13.21 2.38 -8.25
CA ARG A 141 12.84 1.95 -6.90
C ARG A 141 14.08 1.59 -6.08
N GLY A 142 13.90 1.44 -4.78
CA GLY A 142 15.02 1.14 -3.91
C GLY A 142 15.70 2.44 -3.53
N GLN A 143 16.22 2.53 -2.31
CA GLN A 143 16.90 3.74 -1.84
C GLN A 143 18.21 3.98 -2.60
N HIS A 144 18.92 2.88 -2.84
CA HIS A 144 20.21 2.90 -3.54
C HIS A 144 20.18 2.09 -4.85
N PRO A 145 21.20 2.28 -5.71
CA PRO A 145 21.26 1.55 -6.99
C PRO A 145 21.12 0.05 -6.74
N ASN A 146 20.33 -0.62 -7.58
CA ASN A 146 20.07 -2.04 -7.40
C ASN A 146 19.53 -2.60 -8.73
N PRO A 147 19.58 -3.94 -8.91
CA PRO A 147 19.12 -4.63 -10.12
C PRO A 147 17.74 -4.26 -10.62
N LEU A 148 16.81 -4.01 -9.71
CA LEU A 148 15.47 -3.67 -10.14
C LEU A 148 15.43 -2.33 -10.88
N ARG A 149 16.28 -1.39 -10.51
CA ARG A 149 16.32 -0.11 -11.21
C ARG A 149 16.74 -0.35 -12.66
N GLU A 150 17.80 -1.11 -12.83
CA GLU A 150 18.29 -1.41 -14.16
C GLU A 150 17.19 -2.10 -14.97
N LYS A 151 16.56 -3.11 -14.36
CA LYS A 151 15.51 -3.85 -15.05
C LYS A 151 14.38 -2.93 -15.49
N ASN A 152 13.86 -2.14 -14.56
CA ASN A 152 12.77 -1.24 -14.90
C ASN A 152 13.14 -0.26 -16.00
N ARG A 153 14.36 0.27 -15.91
CA ARG A 153 14.87 1.22 -16.90
C ARG A 153 14.95 0.59 -18.28
N ARG A 154 15.33 -0.69 -18.30
CA ARG A 154 15.47 -1.43 -19.55
C ARG A 154 14.09 -1.67 -20.17
N VAL A 155 13.11 -1.94 -19.31
CA VAL A 155 11.75 -2.15 -19.79
C VAL A 155 11.26 -0.89 -20.49
N ASN A 156 11.51 0.27 -19.88
CA ASN A 156 11.06 1.51 -20.49
C ASN A 156 11.69 1.70 -21.86
N GLU A 157 12.98 1.40 -21.97
CA GLU A 157 13.68 1.51 -23.23
C GLU A 157 13.00 0.66 -24.32
N LEU A 158 12.77 -0.61 -23.99
CA LEU A 158 12.14 -1.53 -24.90
C LEU A 158 10.70 -1.14 -25.22
N VAL A 159 9.96 -0.69 -24.22
CA VAL A 159 8.58 -0.29 -24.45
C VAL A 159 8.54 0.99 -25.29
N ARG A 160 9.41 1.95 -24.97
CA ARG A 160 9.46 3.21 -25.71
C ARG A 160 9.69 2.93 -27.19
N ALA A 161 10.58 2.00 -27.47
CA ALA A 161 10.92 1.62 -28.84
C ALA A 161 9.74 0.95 -29.54
N ALA A 162 9.14 -0.02 -28.89
CA ALA A 162 8.00 -0.72 -29.49
C ALA A 162 6.78 0.19 -29.65
N LEU A 163 6.66 1.22 -28.82
CA LEU A 163 5.51 2.13 -28.89
C LEU A 163 5.73 3.35 -29.78
N ALA A 164 6.99 3.70 -30.02
CA ALA A 164 7.31 4.83 -30.88
C ALA A 164 6.93 4.38 -32.29
N GLY A 165 6.04 5.12 -32.93
CA GLY A 165 5.63 4.72 -34.26
C GLY A 165 4.32 3.96 -34.24
N HIS A 166 3.83 3.67 -33.02
CA HIS A 166 2.58 2.96 -32.87
C HIS A 166 1.46 3.95 -33.11
N PRO A 167 0.55 3.64 -34.06
CA PRO A 167 -0.58 4.50 -34.41
C PRO A 167 -1.41 5.03 -33.23
N ARG A 168 -1.78 4.15 -32.30
CA ARG A 168 -2.58 4.60 -31.17
C ARG A 168 -2.18 4.05 -29.80
N ALA A 169 -0.94 4.31 -29.42
CA ALA A 169 -0.38 3.90 -28.15
C ALA A 169 0.74 4.90 -27.88
N HIS A 170 0.80 5.43 -26.67
CA HIS A 170 1.83 6.41 -26.35
C HIS A 170 2.57 6.07 -25.06
N PHE A 171 3.89 6.17 -25.11
CA PHE A 171 4.72 5.91 -23.95
C PHE A 171 5.05 7.25 -23.28
N LEU A 172 4.91 7.30 -21.97
CA LEU A 172 5.20 8.50 -21.21
C LEU A 172 6.08 8.16 -20.01
N ASP A 173 7.30 8.65 -20.05
CA ASP A 173 8.22 8.43 -18.95
C ASP A 173 7.97 9.62 -18.01
N ALA A 174 7.10 9.42 -17.03
CA ALA A 174 6.75 10.48 -16.09
C ALA A 174 7.67 10.62 -14.88
N ASP A 175 8.89 10.10 -14.99
CA ASP A 175 9.85 10.20 -13.89
C ASP A 175 10.58 11.54 -14.02
N PRO A 176 10.43 12.43 -13.04
CA PRO A 176 11.07 13.74 -13.04
C PRO A 176 12.54 13.68 -12.62
N GLY A 177 13.00 12.47 -12.28
CA GLY A 177 14.37 12.30 -11.86
C GLY A 177 14.43 12.03 -10.36
N PHE A 178 13.64 11.07 -9.90
CA PHE A 178 13.60 10.72 -8.50
C PHE A 178 14.96 10.27 -8.01
N VAL A 179 15.77 9.72 -8.90
CA VAL A 179 17.10 9.28 -8.50
C VAL A 179 18.02 10.50 -8.59
N HIS A 180 18.60 10.86 -7.45
CA HIS A 180 19.50 12.01 -7.38
C HIS A 180 20.93 11.70 -7.79
N SER A 181 21.74 12.74 -7.89
CA SER A 181 23.15 12.60 -8.29
C SER A 181 23.93 11.59 -7.46
N ASP A 182 23.52 11.37 -6.21
CA ASP A 182 24.24 10.42 -5.37
C ASP A 182 23.64 9.01 -5.46
N GLY A 183 22.79 8.81 -6.46
CA GLY A 183 22.17 7.51 -6.67
C GLY A 183 21.04 7.14 -5.72
N THR A 184 20.61 8.09 -4.91
CA THR A 184 19.56 7.78 -3.96
C THR A 184 18.19 8.36 -4.27
N ILE A 185 17.17 7.74 -3.68
CA ILE A 185 15.80 8.19 -3.83
C ILE A 185 15.41 8.66 -2.43
N SER A 186 14.76 9.81 -2.34
CA SER A 186 14.37 10.36 -1.04
C SER A 186 13.04 9.81 -0.58
N HIS A 187 12.94 9.48 0.71
CA HIS A 187 11.69 8.96 1.22
C HIS A 187 10.58 10.00 1.14
N HIS A 188 10.94 11.25 0.82
CA HIS A 188 9.96 12.31 0.66
C HIS A 188 9.19 12.11 -0.64
N ASP A 189 9.85 11.54 -1.65
CA ASP A 189 9.20 11.26 -2.93
C ASP A 189 8.54 9.88 -2.86
N MET A 190 9.24 8.92 -2.26
CA MET A 190 8.77 7.53 -2.10
C MET A 190 9.01 7.10 -0.65
N TYR A 191 7.96 7.11 0.16
CA TYR A 191 8.09 6.77 1.57
C TYR A 191 8.71 5.41 1.88
N ASP A 192 8.50 4.43 1.01
CA ASP A 192 9.10 3.11 1.21
C ASP A 192 10.01 2.78 0.03
N TYR A 193 10.40 3.82 -0.69
CA TYR A 193 11.27 3.71 -1.85
C TYR A 193 10.65 2.89 -2.98
N LEU A 194 9.32 2.86 -3.02
CA LEU A 194 8.59 2.14 -4.06
C LEU A 194 7.31 2.89 -4.35
N HIS A 195 6.47 3.04 -3.34
CA HIS A 195 5.21 3.77 -3.50
C HIS A 195 5.47 5.27 -3.41
N LEU A 196 4.68 6.05 -4.14
CA LEU A 196 4.83 7.49 -4.17
C LEU A 196 4.09 8.17 -3.06
N SER A 197 4.69 9.21 -2.50
CA SER A 197 4.04 9.98 -1.45
C SER A 197 3.17 10.98 -2.21
N ARG A 198 2.55 11.89 -1.45
CA ARG A 198 1.70 12.92 -2.03
C ARG A 198 2.53 13.83 -2.93
N LEU A 199 3.71 14.24 -2.47
CA LEU A 199 4.54 15.12 -3.28
C LEU A 199 5.28 14.38 -4.38
N GLY A 200 5.39 13.05 -4.25
CA GLY A 200 6.04 12.28 -5.28
C GLY A 200 5.13 12.17 -6.49
N TYR A 201 3.84 11.94 -6.24
CA TYR A 201 2.85 11.80 -7.29
C TYR A 201 2.66 13.04 -8.17
N THR A 202 2.78 14.22 -7.58
CA THR A 202 2.60 15.48 -8.30
C THR A 202 3.25 15.51 -9.68
N PRO A 203 4.58 15.35 -9.74
CA PRO A 203 5.22 15.38 -11.05
C PRO A 203 4.67 14.32 -12.01
N VAL A 204 4.30 13.16 -11.47
CA VAL A 204 3.76 12.08 -12.31
C VAL A 204 2.42 12.50 -12.90
N CYS A 205 1.46 12.80 -12.02
CA CYS A 205 0.13 13.21 -12.46
C CYS A 205 0.21 14.43 -13.36
N ARG A 206 1.16 15.31 -13.09
CA ARG A 206 1.34 16.53 -13.87
C ARG A 206 1.63 16.17 -15.31
N ALA A 207 2.68 15.37 -15.53
CA ALA A 207 3.04 14.96 -16.87
C ALA A 207 1.92 14.13 -17.49
N LEU A 208 1.26 13.31 -16.68
CA LEU A 208 0.17 12.49 -17.21
C LEU A 208 -0.96 13.35 -17.73
N HIS A 209 -1.27 14.41 -16.99
CA HIS A 209 -2.33 15.33 -17.34
C HIS A 209 -2.00 16.13 -18.61
N SER A 210 -0.74 16.54 -18.75
CA SER A 210 -0.30 17.29 -19.92
C SER A 210 -0.45 16.48 -21.21
N LEU A 211 -0.30 15.16 -21.09
CA LEU A 211 -0.43 14.28 -22.25
C LEU A 211 -1.90 13.98 -22.55
N LEU A 212 -2.68 13.72 -21.50
CA LEU A 212 -4.09 13.40 -21.66
C LEU A 212 -4.81 14.51 -22.39
N LEU A 213 -4.41 15.74 -22.12
CA LEU A 213 -5.02 16.91 -22.77
C LEU A 213 -4.58 17.00 -24.22
N ARG A 214 -3.33 16.63 -24.49
CA ARG A 214 -2.81 16.69 -25.84
C ARG A 214 -3.55 15.69 -26.74
N LEU A 215 -3.96 14.57 -26.16
CA LEU A 215 -4.67 13.55 -26.92
C LEU A 215 -6.16 13.88 -27.01
N SER B 6 6.38 -23.03 21.68
CA SER B 6 7.10 -21.74 21.46
C SER B 6 6.42 -20.95 20.35
N ASN B 7 5.92 -19.77 20.68
CA ASN B 7 5.22 -18.91 19.73
C ASN B 7 6.14 -18.30 18.68
N PRO B 8 5.92 -18.65 17.40
CA PRO B 8 6.76 -18.11 16.31
C PRO B 8 6.52 -16.62 16.04
N ALA B 9 5.29 -16.15 16.31
CA ALA B 9 4.92 -14.75 16.10
C ALA B 9 5.54 -13.85 17.19
N ALA B 10 6.06 -14.48 18.23
CA ALA B 10 6.70 -13.78 19.35
C ALA B 10 8.22 -13.76 19.25
N ILE B 11 8.74 -14.35 18.17
CA ILE B 11 10.19 -14.39 18.00
C ILE B 11 10.62 -13.33 16.99
N PRO B 12 11.47 -12.39 17.42
CA PRO B 12 11.93 -11.34 16.50
C PRO B 12 12.62 -11.90 15.25
N HIS B 13 12.31 -11.33 14.09
CA HIS B 13 12.89 -11.78 12.82
C HIS B 13 12.79 -10.70 11.75
N ALA B 14 13.89 -10.42 11.09
CA ALA B 14 13.90 -9.41 10.03
C ALA B 14 13.25 -9.92 8.76
N ALA B 15 12.59 -9.02 8.04
CA ALA B 15 11.92 -9.37 6.78
C ALA B 15 12.98 -9.39 5.69
N GLU B 16 13.47 -10.58 5.38
CA GLU B 16 14.51 -10.75 4.37
C GLU B 16 14.12 -10.23 2.99
N ASP B 17 15.06 -9.56 2.34
CA ASP B 17 14.82 -9.03 1.01
C ASP B 17 14.92 -10.16 -0.01
N ILE B 18 13.84 -10.42 -0.73
CA ILE B 18 13.82 -11.46 -1.76
C ILE B 18 13.67 -10.81 -3.11
N GLN B 19 13.50 -9.49 -3.13
CA GLN B 19 13.35 -8.74 -4.37
C GLN B 19 14.72 -8.25 -4.84
N GLY B 20 15.45 -7.58 -3.96
CA GLY B 20 16.77 -7.11 -4.34
C GLY B 20 17.02 -5.63 -4.10
N ASP B 21 15.95 -4.86 -3.87
CA ASP B 21 16.11 -3.42 -3.63
C ASP B 21 16.30 -3.05 -2.16
N ASP B 22 16.39 -4.06 -1.30
CA ASP B 22 16.65 -3.88 0.12
C ASP B 22 15.84 -2.75 0.78
N ARG B 23 14.59 -2.59 0.38
CA ARG B 23 13.74 -1.54 0.92
C ARG B 23 13.37 -1.66 2.38
N TRP B 24 13.25 -2.89 2.87
CA TRP B 24 12.89 -3.05 4.27
C TRP B 24 13.94 -2.45 5.19
N MET B 25 15.22 -2.81 4.97
CA MET B 25 16.30 -2.28 5.79
C MET B 25 16.48 -0.78 5.63
N SER B 26 16.21 -0.27 4.44
CA SER B 26 16.35 1.16 4.20
C SER B 26 15.37 1.92 5.09
N GLN B 27 14.16 1.41 5.20
CA GLN B 27 13.15 2.04 6.03
C GLN B 27 13.58 1.94 7.49
N HIS B 28 14.00 0.75 7.90
CA HIS B 28 14.46 0.56 9.27
C HIS B 28 15.59 1.55 9.58
N ASN B 29 16.62 1.58 8.73
CA ASN B 29 17.75 2.49 8.96
C ASN B 29 17.30 3.94 9.09
N ARG B 30 16.33 4.34 8.28
CA ARG B 30 15.82 5.71 8.34
C ARG B 30 15.17 5.97 9.69
N PHE B 31 14.44 4.99 10.21
CA PHE B 31 13.80 5.16 11.49
C PHE B 31 14.88 5.30 12.57
N VAL B 32 15.98 4.59 12.39
CA VAL B 32 17.09 4.69 13.34
C VAL B 32 17.69 6.08 13.23
N LEU B 33 17.75 6.59 11.99
CA LEU B 33 18.27 7.91 11.70
C LEU B 33 17.40 8.98 12.33
N ASP B 34 16.08 8.77 12.29
CA ASP B 34 15.15 9.72 12.90
C ASP B 34 15.34 9.73 14.41
N CYS B 35 15.55 8.55 14.98
CA CYS B 35 15.75 8.40 16.41
C CYS B 35 16.96 9.20 16.87
N LYS B 36 17.84 9.53 15.93
CA LYS B 36 19.04 10.26 16.29
C LYS B 36 18.87 11.77 16.40
N ASP B 37 18.27 12.39 15.39
CA ASP B 37 18.10 13.84 15.43
C ASP B 37 16.67 14.30 15.71
N LYS B 38 15.90 13.44 16.37
CA LYS B 38 14.52 13.78 16.69
C LYS B 38 14.19 13.37 18.11
N GLU B 39 13.19 14.01 18.69
CA GLU B 39 12.75 13.72 20.05
C GLU B 39 11.24 13.85 20.13
N PRO B 40 10.51 12.77 19.79
CA PRO B 40 9.05 12.76 19.81
C PRO B 40 8.43 12.46 21.17
N ASP B 41 7.15 12.75 21.31
CA ASP B 41 6.44 12.46 22.55
C ASP B 41 5.52 11.29 22.29
N VAL B 42 5.15 11.12 21.02
CA VAL B 42 4.27 10.04 20.60
C VAL B 42 4.98 9.26 19.48
N LEU B 43 5.05 7.95 19.65
CA LEU B 43 5.71 7.09 18.67
C LEU B 43 4.71 6.09 18.09
N PHE B 44 4.57 6.10 16.77
CA PHE B 44 3.66 5.17 16.09
C PHE B 44 4.44 4.04 15.44
N VAL B 45 4.17 2.80 15.83
CA VAL B 45 4.87 1.64 15.27
C VAL B 45 3.89 0.54 14.85
N GLY B 46 4.17 -0.10 13.72
CA GLY B 46 3.31 -1.16 13.23
C GLY B 46 3.39 -1.42 11.73
N ASP B 47 2.26 -1.80 11.14
CA ASP B 47 2.22 -2.12 9.73
C ASP B 47 1.64 -1.00 8.87
N SER B 48 1.15 -1.37 7.69
CA SER B 48 0.58 -0.42 6.75
C SER B 48 -0.55 0.40 7.37
N MET B 49 -1.28 -0.17 8.31
CA MET B 49 -2.38 0.56 8.94
C MET B 49 -1.83 1.81 9.62
N VAL B 50 -0.59 1.70 10.11
CA VAL B 50 0.07 2.81 10.77
C VAL B 50 0.73 3.73 9.75
N GLN B 51 1.52 3.13 8.88
CA GLN B 51 2.24 3.87 7.85
C GLN B 51 1.32 4.72 6.96
N LEU B 52 0.30 4.08 6.40
CA LEU B 52 -0.62 4.77 5.50
C LEU B 52 -1.36 5.94 6.14
N MET B 53 -1.47 5.91 7.46
CA MET B 53 -2.17 6.98 8.18
C MET B 53 -1.47 8.33 7.97
N GLN B 54 -0.14 8.28 7.82
CA GLN B 54 0.66 9.49 7.61
C GLN B 54 0.50 10.08 6.21
N GLN B 55 -0.03 9.27 5.29
CA GLN B 55 -0.22 9.70 3.91
C GLN B 55 -1.56 10.40 3.68
N TYR B 56 -2.31 10.61 4.76
CA TYR B 56 -3.60 11.29 4.69
C TYR B 56 -3.55 12.60 5.46
N GLU B 57 -4.30 13.58 4.99
CA GLU B 57 -4.33 14.91 5.63
C GLU B 57 -4.57 14.87 7.13
N ILE B 58 -5.35 13.90 7.58
CA ILE B 58 -5.68 13.74 8.99
C ILE B 58 -4.47 13.73 9.91
N TRP B 59 -3.36 13.22 9.40
CA TRP B 59 -2.11 13.13 10.15
C TRP B 59 -1.55 14.51 10.51
N ARG B 60 -1.53 15.42 9.55
CA ARG B 60 -1.02 16.75 9.81
C ARG B 60 -1.91 17.50 10.80
N GLU B 61 -3.23 17.39 10.65
CA GLU B 61 -4.13 18.10 11.54
C GLU B 61 -4.19 17.56 12.95
N LEU B 62 -4.18 16.24 13.09
CA LEU B 62 -4.30 15.60 14.40
C LEU B 62 -3.02 15.14 15.09
N PHE B 63 -2.08 14.55 14.36
CA PHE B 63 -0.87 14.04 15.00
C PHE B 63 0.44 14.82 14.81
N SER B 64 0.60 15.53 13.69
CA SER B 64 1.82 16.32 13.50
C SER B 64 2.03 17.29 14.66
N PRO B 65 0.96 17.91 15.17
CA PRO B 65 1.14 18.85 16.28
C PRO B 65 1.66 18.22 17.56
N LEU B 66 1.49 16.92 17.69
CA LEU B 66 1.94 16.23 18.90
C LEU B 66 3.40 15.81 18.86
N HIS B 67 4.13 16.24 17.84
CA HIS B 67 5.55 15.90 17.71
C HIS B 67 5.61 14.37 17.65
N ALA B 68 4.97 13.79 16.64
CA ALA B 68 4.90 12.34 16.48
C ALA B 68 5.75 11.75 15.36
N LEU B 69 6.31 10.57 15.62
CA LEU B 69 7.11 9.86 14.64
C LEU B 69 6.34 8.61 14.23
N ASN B 70 6.43 8.26 12.95
CA ASN B 70 5.74 7.09 12.44
C ASN B 70 6.72 6.08 11.84
N PHE B 71 6.87 4.94 12.53
CA PHE B 71 7.76 3.86 12.10
C PHE B 71 6.93 2.67 11.54
N GLY B 72 5.91 2.99 10.76
CA GLY B 72 5.10 1.92 10.19
C GLY B 72 5.72 1.40 8.91
N ILE B 73 5.58 0.10 8.66
CA ILE B 73 6.12 -0.49 7.44
C ILE B 73 5.06 -1.41 6.86
N GLY B 74 4.71 -1.19 5.60
CA GLY B 74 3.70 -2.01 4.97
C GLY B 74 4.11 -3.46 4.85
N GLY B 75 3.24 -4.35 5.29
CA GLY B 75 3.55 -5.77 5.19
C GLY B 75 4.17 -6.38 6.44
N ASP B 76 4.61 -5.55 7.39
CA ASP B 76 5.23 -6.08 8.60
C ASP B 76 4.30 -6.94 9.47
N THR B 77 4.89 -7.93 10.13
CA THR B 77 4.16 -8.81 11.03
C THR B 77 4.71 -8.54 12.43
N THR B 78 4.16 -9.21 13.41
CA THR B 78 4.63 -9.06 14.78
C THR B 78 6.14 -9.32 14.88
N ARG B 79 6.63 -10.34 14.17
CA ARG B 79 8.06 -10.70 14.20
C ARG B 79 8.93 -9.55 13.71
N HIS B 80 8.48 -8.95 12.62
CA HIS B 80 9.18 -7.84 11.99
C HIS B 80 9.23 -6.63 12.89
N VAL B 81 8.10 -6.33 13.53
CA VAL B 81 8.02 -5.18 14.44
C VAL B 81 8.95 -5.41 15.61
N LEU B 82 8.92 -6.62 16.16
CA LEU B 82 9.78 -6.97 17.28
C LEU B 82 11.25 -6.71 16.94
N TRP B 83 11.68 -7.23 15.80
CA TRP B 83 13.06 -7.06 15.37
C TRP B 83 13.48 -5.60 15.31
N ARG B 84 12.64 -4.77 14.72
CA ARG B 84 12.93 -3.35 14.59
C ARG B 84 13.02 -2.66 15.95
N LEU B 85 12.10 -3.01 16.85
CA LEU B 85 12.09 -2.41 18.18
C LEU B 85 13.33 -2.76 19.00
N LYS B 86 13.85 -3.96 18.81
CA LYS B 86 15.03 -4.43 19.52
C LYS B 86 16.32 -3.96 18.85
N ASN B 87 16.22 -3.58 17.59
CA ASN B 87 17.41 -3.16 16.87
C ASN B 87 17.60 -1.69 16.57
N GLY B 88 17.34 -0.86 17.57
CA GLY B 88 17.57 0.56 17.40
C GLY B 88 16.40 1.52 17.31
N GLU B 89 15.26 1.05 16.87
CA GLU B 89 14.12 1.94 16.75
C GLU B 89 13.55 2.44 18.07
N LEU B 90 14.10 1.96 19.18
CA LEU B 90 13.64 2.39 20.49
C LEU B 90 14.75 3.09 21.28
N GLU B 91 15.79 3.53 20.57
CA GLU B 91 16.91 4.19 21.21
C GLU B 91 17.00 5.68 20.91
N ASN B 92 17.67 6.41 21.80
CA ASN B 92 17.87 7.85 21.68
C ASN B 92 16.60 8.68 21.79
N ILE B 93 15.49 8.01 22.11
CA ILE B 93 14.20 8.68 22.25
C ILE B 93 13.48 8.22 23.53
N LYS B 94 12.59 9.05 24.03
CA LYS B 94 11.83 8.75 25.24
C LYS B 94 10.39 9.22 25.06
N PRO B 95 9.62 8.51 24.22
CA PRO B 95 8.23 8.90 23.99
C PRO B 95 7.34 8.71 25.21
N LYS B 96 6.39 9.61 25.38
CA LYS B 96 5.46 9.56 26.50
C LYS B 96 4.32 8.61 26.13
N VAL B 97 4.07 8.46 24.84
CA VAL B 97 3.01 7.57 24.35
C VAL B 97 3.47 6.81 23.11
N ILE B 98 3.22 5.50 23.11
CA ILE B 98 3.58 4.63 21.99
C ILE B 98 2.34 3.91 21.45
N VAL B 99 2.05 4.10 20.17
CA VAL B 99 0.89 3.47 19.53
C VAL B 99 1.35 2.26 18.70
N VAL B 100 0.80 1.10 19.02
CA VAL B 100 1.12 -0.15 18.35
C VAL B 100 -0.06 -0.69 17.56
N TRP B 101 0.18 -1.04 16.30
CA TRP B 101 -0.89 -1.56 15.45
C TRP B 101 -0.29 -2.60 14.50
N VAL B 102 -0.35 -3.88 14.89
CA VAL B 102 0.19 -4.96 14.07
C VAL B 102 -0.54 -6.29 14.29
N GLY B 103 -0.46 -7.18 13.30
CA GLY B 103 -1.10 -8.48 13.45
C GLY B 103 -1.97 -8.91 12.30
N THR B 104 -2.51 -7.96 11.57
CA THR B 104 -3.37 -8.30 10.45
C THR B 104 -2.60 -8.94 9.30
N ASN B 105 -1.28 -8.85 9.29
CA ASN B 105 -0.52 -9.49 8.21
C ASN B 105 0.11 -10.80 8.65
N ASN B 106 -0.19 -11.23 9.87
CA ASN B 106 0.37 -12.47 10.43
C ASN B 106 -0.29 -13.73 9.87
N HIS B 107 -0.30 -13.84 8.55
CA HIS B 107 -0.89 -15.00 7.89
C HIS B 107 -0.11 -16.26 8.26
N GLU B 108 -0.83 -17.37 8.34
CA GLU B 108 -0.25 -18.66 8.71
C GLU B 108 -0.13 -18.82 10.22
N ASN B 109 -0.25 -17.73 10.98
CA ASN B 109 -0.21 -17.81 12.44
C ASN B 109 -1.65 -17.87 12.95
N THR B 110 -1.87 -18.56 14.07
CA THR B 110 -3.21 -18.64 14.65
C THR B 110 -3.46 -17.36 15.43
N ALA B 111 -4.73 -17.08 15.73
CA ALA B 111 -5.10 -15.88 16.47
C ALA B 111 -4.34 -15.81 17.79
N GLU B 112 -4.24 -16.95 18.48
CA GLU B 112 -3.53 -17.03 19.75
C GLU B 112 -2.05 -16.67 19.59
N GLU B 113 -1.43 -17.13 18.50
CA GLU B 113 -0.03 -16.80 18.28
C GLU B 113 0.14 -15.30 18.07
N VAL B 114 -0.72 -14.71 17.23
CA VAL B 114 -0.67 -13.28 16.95
C VAL B 114 -0.86 -12.47 18.23
N ALA B 115 -1.80 -12.88 19.07
CA ALA B 115 -2.03 -12.16 20.33
C ALA B 115 -0.75 -12.23 21.16
N GLY B 116 -0.17 -13.42 21.24
CA GLY B 116 1.06 -13.60 21.98
C GLY B 116 2.20 -12.74 21.47
N GLY B 117 2.25 -12.54 20.15
CA GLY B 117 3.30 -11.73 19.56
C GLY B 117 3.15 -10.25 19.87
N ILE B 118 1.90 -9.78 19.92
CA ILE B 118 1.66 -8.39 20.23
C ILE B 118 2.03 -8.16 21.69
N GLU B 119 1.77 -9.16 22.52
CA GLU B 119 2.12 -9.08 23.95
C GLU B 119 3.62 -9.01 24.10
N ALA B 120 4.33 -9.79 23.29
CA ALA B 120 5.79 -9.78 23.33
C ALA B 120 6.25 -8.37 23.01
N ILE B 121 5.60 -7.73 22.04
CA ILE B 121 5.96 -6.36 21.66
C ILE B 121 5.78 -5.41 22.85
N VAL B 122 4.59 -5.43 23.45
CA VAL B 122 4.29 -4.59 24.60
C VAL B 122 5.32 -4.79 25.71
N GLN B 123 5.65 -6.04 25.99
CA GLN B 123 6.62 -6.37 27.02
C GLN B 123 7.98 -5.75 26.70
N LEU B 124 8.41 -5.87 25.45
CA LEU B 124 9.69 -5.32 25.04
C LEU B 124 9.68 -3.79 25.14
N ILE B 125 8.54 -3.17 24.81
CA ILE B 125 8.42 -1.73 24.87
C ILE B 125 8.57 -1.16 26.27
N ASN B 126 7.80 -1.67 27.23
CA ASN B 126 7.92 -1.14 28.58
C ASN B 126 9.19 -1.61 29.28
N THR B 127 10.01 -2.37 28.57
CA THR B 127 11.28 -2.83 29.12
C THR B 127 12.30 -1.79 28.70
N ARG B 128 12.24 -1.39 27.44
CA ARG B 128 13.13 -0.39 26.88
C ARG B 128 12.63 1.01 27.19
N GLN B 129 11.31 1.16 27.23
CA GLN B 129 10.68 2.46 27.50
C GLN B 129 9.66 2.31 28.61
N PRO B 130 10.12 2.01 29.83
CA PRO B 130 9.22 1.83 30.98
C PRO B 130 8.39 3.05 31.36
N GLN B 131 8.76 4.23 30.86
CA GLN B 131 8.06 5.46 31.18
C GLN B 131 6.96 5.77 30.18
N ALA B 132 6.94 5.02 29.08
CA ALA B 132 5.95 5.25 28.04
C ALA B 132 4.63 4.51 28.24
N LYS B 133 3.53 5.20 27.96
CA LYS B 133 2.22 4.58 28.08
C LYS B 133 1.95 4.00 26.68
N ILE B 134 1.56 2.73 26.63
CA ILE B 134 1.33 2.07 25.36
C ILE B 134 -0.15 1.95 24.99
N ILE B 135 -0.44 2.17 23.71
CA ILE B 135 -1.79 2.05 23.20
C ILE B 135 -1.77 1.02 22.08
N VAL B 136 -2.45 -0.09 22.27
CA VAL B 136 -2.50 -1.14 21.25
C VAL B 136 -3.83 -1.00 20.51
N LEU B 137 -3.78 -0.83 19.19
CA LEU B 137 -4.99 -0.71 18.40
C LEU B 137 -5.52 -2.10 18.03
N GLY B 138 -6.83 -2.26 18.11
CA GLY B 138 -7.44 -3.54 17.77
C GLY B 138 -7.33 -3.82 16.28
N LEU B 139 -7.20 -5.08 15.90
CA LEU B 139 -7.11 -5.45 14.49
C LEU B 139 -8.45 -5.21 13.85
N LEU B 140 -8.45 -4.59 12.67
CA LEU B 140 -9.70 -4.30 11.98
C LEU B 140 -10.22 -5.42 11.09
N PRO B 141 -11.55 -5.45 10.89
CA PRO B 141 -12.17 -6.46 10.04
C PRO B 141 -11.61 -6.20 8.65
N ARG B 142 -11.65 -7.22 7.80
CA ARG B 142 -11.16 -7.09 6.44
C ARG B 142 -11.94 -8.02 5.54
N GLY B 143 -11.86 -7.79 4.23
CA GLY B 143 -12.57 -8.63 3.28
C GLY B 143 -13.95 -8.06 3.02
N GLU B 144 -14.38 -8.09 1.76
CA GLU B 144 -15.68 -7.54 1.41
C GLU B 144 -16.82 -8.29 2.10
N LYS B 145 -16.72 -9.60 2.11
CA LYS B 145 -17.74 -10.45 2.69
C LYS B 145 -17.18 -11.26 3.87
N PRO B 146 -18.06 -11.93 4.64
CA PRO B 146 -17.56 -12.69 5.78
C PRO B 146 -16.51 -13.71 5.34
N ASN B 147 -15.46 -13.82 6.12
CA ASN B 147 -14.38 -14.73 5.81
C ASN B 147 -13.59 -15.05 7.09
N PRO B 148 -12.75 -16.08 7.05
CA PRO B 148 -11.92 -16.52 8.19
C PRO B 148 -11.08 -15.45 8.90
N LEU B 149 -10.57 -14.48 8.15
CA LEU B 149 -9.73 -13.45 8.76
C LEU B 149 -10.48 -12.51 9.70
N ARG B 150 -11.77 -12.28 9.44
CA ARG B 150 -12.55 -11.43 10.34
C ARG B 150 -12.62 -12.14 11.69
N GLN B 151 -12.89 -13.45 11.67
CA GLN B 151 -12.94 -14.23 12.89
C GLN B 151 -11.60 -14.23 13.57
N LYS B 152 -10.56 -14.53 12.80
CA LYS B 152 -9.21 -14.55 13.35
C LYS B 152 -8.87 -13.22 14.03
N ASN B 153 -9.10 -12.10 13.32
CA ASN B 153 -8.79 -10.78 13.87
C ASN B 153 -9.62 -10.41 15.09
N ALA B 154 -10.87 -10.86 15.12
CA ALA B 154 -11.73 -10.57 16.27
C ALA B 154 -11.22 -11.32 17.50
N LYS B 155 -10.79 -12.57 17.31
CA LYS B 155 -10.29 -13.36 18.43
C LYS B 155 -9.05 -12.73 19.04
N VAL B 156 -8.20 -12.17 18.18
CA VAL B 156 -7.00 -11.51 18.66
C VAL B 156 -7.38 -10.34 19.56
N ASN B 157 -8.34 -9.53 19.13
CA ASN B 157 -8.73 -8.38 19.96
C ASN B 157 -9.30 -8.85 21.29
N GLN B 158 -10.16 -9.86 21.29
CA GLN B 158 -10.74 -10.36 22.53
C GLN B 158 -9.64 -10.89 23.47
N LEU B 159 -8.69 -11.62 22.91
CA LEU B 159 -7.60 -12.16 23.70
C LEU B 159 -6.74 -11.05 24.30
N LEU B 160 -6.55 -9.98 23.54
CA LEU B 160 -5.75 -8.85 23.99
C LEU B 160 -6.47 -8.08 25.08
N LYS B 161 -7.77 -7.94 24.92
CA LYS B 161 -8.57 -7.21 25.89
C LYS B 161 -8.41 -7.82 27.28
N VAL B 162 -8.22 -9.13 27.33
CA VAL B 162 -8.06 -9.84 28.60
C VAL B 162 -6.63 -9.82 29.12
N SER B 163 -5.66 -9.90 28.20
CA SER B 163 -4.25 -9.91 28.55
C SER B 163 -3.60 -8.54 28.73
N LEU B 164 -4.17 -7.52 28.11
CA LEU B 164 -3.62 -6.17 28.22
C LEU B 164 -3.93 -5.39 29.50
N PRO B 165 -5.07 -5.66 30.17
CA PRO B 165 -5.29 -4.88 31.40
C PRO B 165 -4.10 -5.22 32.29
N LYS B 166 -3.56 -6.41 32.03
CA LYS B 166 -2.41 -6.95 32.71
C LYS B 166 -1.23 -6.17 32.14
N LEU B 167 -0.01 -6.59 32.43
CA LEU B 167 1.16 -5.88 31.91
C LEU B 167 1.12 -4.42 32.36
N ALA B 168 2.24 -3.73 32.24
CA ALA B 168 2.35 -2.33 32.67
C ALA B 168 2.08 -1.26 31.61
N ASN B 169 1.39 -0.20 32.04
CA ASN B 169 1.07 0.95 31.20
C ASN B 169 0.57 0.64 29.79
N VAL B 170 -0.41 -0.25 29.67
CA VAL B 170 -0.95 -0.60 28.35
C VAL B 170 -2.46 -0.78 28.34
N GLN B 171 -3.06 -0.44 27.19
CA GLN B 171 -4.49 -0.58 27.03
C GLN B 171 -4.85 -0.79 25.55
N LEU B 172 -5.89 -1.57 25.32
CA LEU B 172 -6.35 -1.86 23.97
C LEU B 172 -7.43 -0.90 23.51
N LEU B 173 -7.18 -0.17 22.43
CA LEU B 173 -8.19 0.74 21.90
C LEU B 173 -8.79 -0.01 20.71
N ASP B 174 -10.03 -0.49 20.85
CA ASP B 174 -10.69 -1.23 19.77
C ASP B 174 -11.89 -0.46 19.25
N THR B 175 -11.63 0.67 18.60
CA THR B 175 -12.71 1.46 18.06
C THR B 175 -13.17 0.77 16.78
N ASP B 176 -14.47 0.76 16.53
CA ASP B 176 -14.95 0.15 15.31
C ASP B 176 -16.07 0.97 14.71
N GLY B 177 -15.84 1.45 13.50
CA GLY B 177 -16.85 2.24 12.82
C GLY B 177 -17.93 1.30 12.35
N GLY B 178 -18.79 1.77 11.45
CA GLY B 178 -19.83 0.91 10.95
C GLY B 178 -19.23 0.09 9.83
N PHE B 179 -17.99 -0.34 10.03
CA PHE B 179 -17.29 -1.12 9.01
C PHE B 179 -18.07 -2.31 8.47
N VAL B 180 -18.40 -3.26 9.34
CA VAL B 180 -19.16 -4.41 8.87
C VAL B 180 -20.64 -4.15 9.06
N HIS B 181 -21.34 -3.91 7.95
CA HIS B 181 -22.78 -3.61 7.99
C HIS B 181 -23.61 -4.85 8.33
N SER B 182 -24.92 -4.69 8.34
CA SER B 182 -25.80 -5.81 8.65
C SER B 182 -25.76 -6.90 7.60
N ASP B 183 -25.62 -6.52 6.35
CA ASP B 183 -25.55 -7.49 5.26
C ASP B 183 -24.19 -8.19 5.27
N GLY B 184 -23.40 -7.95 6.32
CA GLY B 184 -22.10 -8.58 6.44
C GLY B 184 -21.02 -8.04 5.54
N ALA B 185 -21.32 -6.98 4.80
CA ALA B 185 -20.33 -6.43 3.88
C ALA B 185 -19.61 -5.19 4.37
N ILE B 186 -18.41 -4.99 3.85
CA ILE B 186 -17.61 -3.81 4.17
C ILE B 186 -17.62 -2.98 2.88
N SER B 187 -17.87 -1.69 3.02
CA SER B 187 -17.94 -0.79 1.87
C SER B 187 -16.56 -0.34 1.41
N CYS B 188 -16.36 -0.29 0.10
CA CYS B 188 -15.07 0.15 -0.45
C CYS B 188 -14.84 1.63 -0.09
N HIS B 189 -15.86 2.28 0.47
CA HIS B 189 -15.78 3.67 0.86
C HIS B 189 -15.06 3.82 2.20
N ASP B 190 -15.00 2.72 2.94
CA ASP B 190 -14.31 2.70 4.23
C ASP B 190 -12.92 2.10 4.03
N MET B 191 -12.87 1.03 3.25
CA MET B 191 -11.60 0.36 2.92
C MET B 191 -11.61 0.16 1.42
N PHE B 192 -10.76 0.91 0.72
CA PHE B 192 -10.73 0.84 -0.73
C PHE B 192 -10.39 -0.51 -1.35
N ASP B 193 -9.58 -1.32 -0.66
CA ASP B 193 -9.22 -2.65 -1.16
C ASP B 193 -9.72 -3.70 -0.19
N PHE B 194 -10.66 -3.30 0.67
CA PHE B 194 -11.25 -4.16 1.70
C PHE B 194 -10.25 -4.57 2.78
N LEU B 195 -9.20 -3.76 2.93
CA LEU B 195 -8.17 -3.96 3.94
C LEU B 195 -7.65 -2.60 4.43
N HIS B 196 -7.09 -1.80 3.53
CA HIS B 196 -6.59 -0.48 3.91
C HIS B 196 -7.71 0.55 3.92
N LEU B 197 -7.63 1.48 4.86
CA LEU B 197 -8.64 2.51 5.05
C LEU B 197 -8.54 3.69 4.09
N THR B 198 -9.68 4.30 3.78
CA THR B 198 -9.68 5.48 2.93
C THR B 198 -9.62 6.60 3.96
N GLY B 199 -9.70 7.84 3.50
CA GLY B 199 -9.67 8.96 4.41
C GLY B 199 -10.91 8.92 5.29
N GLY B 200 -12.05 8.54 4.71
CA GLY B 200 -13.27 8.46 5.49
C GLY B 200 -13.14 7.38 6.55
N GLY B 201 -12.47 6.29 6.18
CA GLY B 201 -12.27 5.19 7.10
C GLY B 201 -11.40 5.52 8.29
N TYR B 202 -10.32 6.27 8.02
CA TYR B 202 -9.39 6.70 9.06
C TYR B 202 -10.06 7.70 9.99
N ALA B 203 -10.97 8.50 9.46
CA ALA B 203 -11.68 9.48 10.27
C ALA B 203 -12.38 8.79 11.44
N LYS B 204 -12.97 7.62 11.17
CA LYS B 204 -13.68 6.89 12.23
C LYS B 204 -12.77 6.31 13.31
N ILE B 205 -11.51 6.07 12.95
CA ILE B 205 -10.55 5.48 13.88
C ILE B 205 -9.66 6.48 14.61
N CYS B 206 -9.14 7.45 13.87
CA CYS B 206 -8.21 8.44 14.41
C CYS B 206 -8.73 9.39 15.48
N LYS B 207 -9.94 9.90 15.29
CA LYS B 207 -10.51 10.83 16.26
C LYS B 207 -10.44 10.25 17.69
N PRO B 208 -10.96 9.02 17.90
CA PRO B 208 -10.92 8.41 19.23
C PRO B 208 -9.49 8.13 19.71
N LEU B 209 -8.61 7.79 18.76
CA LEU B 209 -7.22 7.51 19.07
C LEU B 209 -6.52 8.78 19.53
N HIS B 210 -6.88 9.89 18.90
CA HIS B 210 -6.32 11.20 19.21
C HIS B 210 -6.74 11.71 20.60
N GLU B 211 -7.99 11.44 21.00
CA GLU B 211 -8.42 11.92 22.30
C GLU B 211 -7.73 11.13 23.42
N LEU B 212 -7.52 9.84 23.18
CA LEU B 212 -6.86 9.00 24.18
C LEU B 212 -5.40 9.43 24.32
N ILE B 213 -4.79 9.86 23.20
CA ILE B 213 -3.41 10.31 23.25
C ILE B 213 -3.35 11.62 24.03
N MET B 214 -4.24 12.56 23.73
CA MET B 214 -4.28 13.85 24.40
C MET B 214 -4.43 13.59 25.89
N GLN B 215 -5.26 12.61 26.23
CA GLN B 215 -5.50 12.23 27.61
C GLN B 215 -4.20 11.77 28.23
N LEU B 216 -3.71 10.62 27.77
CA LEU B 216 -2.47 10.04 28.27
C LEU B 216 -1.35 11.06 28.45
N LEU B 217 -1.29 12.05 27.57
CA LEU B 217 -0.27 13.09 27.64
C LEU B 217 -0.56 14.14 28.71
#